data_8F7I
#
_entry.id   8F7I
#
_cell.length_a   75.975
_cell.length_b   75.975
_cell.length_c   230.026
_cell.angle_alpha   90.000
_cell.angle_beta   90.000
_cell.angle_gamma   90.000
#
_symmetry.space_group_name_H-M   'P 43 21 2'
#
loop_
_entity.id
_entity.type
_entity.pdbx_description
1 polymer 'Surfactin synthetase'
2 non-polymer GLYCEROL
3 water water
#
_entity_poly.entity_id   1
_entity_poly.type   'polypeptide(L)'
_entity_poly.pdbx_seq_one_letter_code
;MHHHHHHHHPDLGTGSENLYFQGAMADQVQDMYYLSPMQEGMLFHAILNPGQSFYLEQITMKVKGSLNIKCLEESMNVIM
DRYDVFRTVFIHEKVKRPVQVVLKKRQFQIEEIDLTHLTGSEQTAKINEYKEQDKIRGFDLTRDIPMRAAIFKKAEESFE
WVTSVHHIILDGWCIGIVVQDLFKVYNALREQKPYSLPPVKPYKDYIKWLEKQDKQASLRYWREYLEDFEGQTTFAEQRK
KQKDGYEPKELLFSLPEAETKAFTELAKSQHTTLSTALQAVWSVLISRYQQSGDLAFGTVVSGRPAEIKGVEHMVGLFIN
VVPRRVKLSEGITFNDLLKQLQEQSLQSEPHQYVPLYDIQSQADQPKLIDHIIVFENYPLQDAKNEESSENGFDMVDVHV
FEKSNYDLNLMASPGDEMLIKLAYNENVFDEAFILRLKSQLLTAIQQLIQNPDQPVSTINI
;
_entity_poly.pdbx_strand_id   A
#
loop_
_chem_comp.id
_chem_comp.type
_chem_comp.name
_chem_comp.formula
GOL non-polymer GLYCEROL 'C3 H8 O3'
#
# COMPACT_ATOMS: atom_id res chain seq x y z
N ASP A 27 -20.14 21.78 -19.27
CA ASP A 27 -19.58 21.26 -20.50
C ASP A 27 -18.19 20.67 -20.29
N GLN A 28 -17.52 21.11 -19.22
CA GLN A 28 -16.22 20.55 -18.87
C GLN A 28 -16.33 19.29 -18.03
N VAL A 29 -17.52 18.96 -17.54
CA VAL A 29 -17.73 17.83 -16.64
C VAL A 29 -18.22 16.64 -17.44
N GLN A 30 -17.51 15.51 -17.28
CA GLN A 30 -17.93 14.25 -17.88
C GLN A 30 -18.95 13.52 -17.04
N ASP A 31 -18.75 13.50 -15.71
CA ASP A 31 -19.60 12.72 -14.83
C ASP A 31 -19.41 13.18 -13.39
N MET A 32 -20.29 12.68 -12.53
CA MET A 32 -20.29 13.02 -11.12
C MET A 32 -20.94 11.87 -10.36
N TYR A 33 -20.31 11.42 -9.29
CA TYR A 33 -20.86 10.34 -8.49
C TYR A 33 -20.35 10.47 -7.07
N TYR A 34 -20.94 9.68 -6.18
CA TYR A 34 -20.56 9.75 -4.77
C TYR A 34 -19.23 9.05 -4.54
N LEU A 35 -18.70 9.22 -3.33
CA LEU A 35 -17.43 8.66 -2.93
C LEU A 35 -17.64 7.29 -2.29
N SER A 36 -16.64 6.43 -2.41
CA SER A 36 -16.64 5.22 -1.62
C SER A 36 -16.51 5.60 -0.15
N PRO A 37 -16.95 4.74 0.77
CA PRO A 37 -16.75 5.04 2.19
C PRO A 37 -15.30 5.36 2.52
N MET A 38 -14.35 4.64 1.93
CA MET A 38 -12.94 4.94 2.19
C MET A 38 -12.53 6.28 1.61
N GLN A 39 -12.94 6.58 0.37
CA GLN A 39 -12.66 7.91 -0.17
C GLN A 39 -13.23 9.00 0.73
N GLU A 40 -14.46 8.79 1.22
CA GLU A 40 -15.09 9.79 2.08
C GLU A 40 -14.28 10.02 3.34
N GLY A 41 -13.77 8.94 3.94
CA GLY A 41 -12.92 9.10 5.11
C GLY A 41 -11.64 9.86 4.80
N MET A 42 -11.00 9.55 3.66
CA MET A 42 -9.79 10.27 3.30
C MET A 42 -10.06 11.74 3.07
N LEU A 43 -11.14 12.07 2.37
CA LEU A 43 -11.45 13.48 2.12
C LEU A 43 -11.66 14.21 3.43
N PHE A 44 -12.39 13.58 4.36
CA PHE A 44 -12.66 14.16 5.66
C PHE A 44 -11.37 14.51 6.40
N HIS A 45 -10.45 13.54 6.53
CA HIS A 45 -9.22 13.81 7.25
C HIS A 45 -8.27 14.70 6.46
N ALA A 46 -8.27 14.59 5.13
CA ALA A 46 -7.44 15.46 4.32
C ALA A 46 -7.79 16.93 4.55
N ILE A 47 -9.08 17.24 4.54
CA ILE A 47 -9.52 18.62 4.74
C ILE A 47 -9.17 19.09 6.14
N LEU A 48 -9.32 18.22 7.12
CA LEU A 48 -9.15 18.62 8.52
C LEU A 48 -7.70 18.69 8.96
N ASN A 49 -6.75 18.17 8.17
CA ASN A 49 -5.35 18.09 8.58
C ASN A 49 -4.41 18.50 7.45
N PRO A 50 -4.55 19.73 6.95
CA PRO A 50 -3.65 20.16 5.86
C PRO A 50 -2.21 20.25 6.33
N GLY A 51 -1.30 19.93 5.41
CA GLY A 51 0.12 20.08 5.65
C GLY A 51 0.80 18.94 6.36
N GLN A 52 0.11 17.82 6.56
CA GLN A 52 0.63 16.72 7.36
C GLN A 52 0.94 15.47 6.55
N SER A 53 0.95 15.57 5.22
CA SER A 53 1.33 14.48 4.31
C SER A 53 0.37 13.30 4.36
N PHE A 54 -0.86 13.48 4.83
CA PHE A 54 -1.78 12.36 4.86
C PHE A 54 -2.10 11.90 3.45
N TYR A 55 -2.08 10.58 3.26
CA TYR A 55 -2.50 9.91 2.04
C TYR A 55 -1.62 10.24 0.85
N LEU A 56 -0.46 10.84 1.06
CA LEU A 56 0.44 11.22 -0.01
C LEU A 56 1.51 10.14 -0.18
N GLU A 57 1.75 9.75 -1.43
CA GLU A 57 2.86 8.88 -1.78
C GLU A 57 3.82 9.67 -2.67
N GLN A 58 5.10 9.62 -2.35
CA GLN A 58 6.14 10.32 -3.09
C GLN A 58 7.10 9.26 -3.63
N ILE A 59 7.22 9.19 -4.96
CA ILE A 59 8.08 8.22 -5.62
C ILE A 59 9.24 8.97 -6.25
N THR A 60 10.46 8.56 -5.94
CA THR A 60 11.66 9.17 -6.50
C THR A 60 12.37 8.15 -7.37
N MET A 61 12.57 8.48 -8.65
CA MET A 61 13.31 7.67 -9.60
C MET A 61 14.54 8.45 -10.04
N LYS A 62 15.72 7.89 -9.82
CA LYS A 62 16.95 8.42 -10.39
C LYS A 62 17.11 7.83 -11.79
N VAL A 63 17.28 8.70 -12.78
CA VAL A 63 17.29 8.30 -14.18
C VAL A 63 18.66 8.60 -14.78
N LYS A 64 19.25 7.60 -15.42
CA LYS A 64 20.52 7.73 -16.13
C LYS A 64 20.30 7.25 -17.55
N GLY A 65 20.39 8.18 -18.50
CA GLY A 65 20.19 7.87 -19.90
C GLY A 65 19.48 9.01 -20.61
N SER A 66 19.03 8.72 -21.83
CA SER A 66 18.50 9.75 -22.73
C SER A 66 16.97 9.87 -22.58
N LEU A 67 16.57 10.27 -21.38
CA LEU A 67 15.16 10.52 -21.12
C LEU A 67 14.67 11.71 -21.93
N ASN A 68 13.51 11.55 -22.57
CA ASN A 68 12.86 12.61 -23.34
C ASN A 68 11.66 13.08 -22.53
N ILE A 69 11.82 14.21 -21.84
CA ILE A 69 10.78 14.65 -20.92
C ILE A 69 9.54 15.11 -21.68
N LYS A 70 9.71 15.67 -22.88
CA LYS A 70 8.53 16.05 -23.66
C LYS A 70 7.72 14.82 -24.06
N CYS A 71 8.40 13.74 -24.45
CA CYS A 71 7.70 12.51 -24.79
C CYS A 71 7.08 11.87 -23.55
N LEU A 72 7.78 11.94 -22.41
CA LEU A 72 7.20 11.46 -21.16
C LEU A 72 5.92 12.24 -20.83
N GLU A 73 5.93 13.55 -21.07
CA GLU A 73 4.76 14.36 -20.77
C GLU A 73 3.61 14.05 -21.72
N GLU A 74 3.91 13.83 -23.00
CA GLU A 74 2.87 13.37 -23.92
C GLU A 74 2.31 12.03 -23.48
N SER A 75 3.19 11.11 -23.07
CA SER A 75 2.73 9.80 -22.62
C SER A 75 1.84 9.93 -21.39
N MET A 76 2.21 10.80 -20.45
CA MET A 76 1.39 10.93 -19.25
C MET A 76 0.01 11.50 -19.58
N ASN A 77 -0.09 12.32 -20.63
CA ASN A 77 -1.39 12.87 -20.97
C ASN A 77 -2.30 11.85 -21.66
N VAL A 78 -1.73 10.85 -22.33
CA VAL A 78 -2.54 9.72 -22.77
C VAL A 78 -3.10 8.99 -21.56
N ILE A 79 -2.28 8.82 -20.53
CA ILE A 79 -2.74 8.13 -19.32
C ILE A 79 -3.83 8.94 -18.63
N MET A 80 -3.70 10.27 -18.61
CA MET A 80 -4.76 11.11 -18.05
C MET A 80 -6.10 10.82 -18.69
N ASP A 81 -6.11 10.69 -20.02
CA ASP A 81 -7.35 10.42 -20.74
C ASP A 81 -7.87 9.02 -20.47
N ARG A 82 -6.96 8.07 -20.21
CA ARG A 82 -7.34 6.68 -20.08
C ARG A 82 -8.06 6.39 -18.77
N TYR A 83 -7.60 6.97 -17.67
CA TYR A 83 -8.08 6.62 -16.34
C TYR A 83 -8.79 7.83 -15.71
N ASP A 84 -10.10 7.71 -15.53
CA ASP A 84 -10.94 8.81 -15.07
C ASP A 84 -10.45 9.43 -13.76
N VAL A 85 -9.86 8.62 -12.89
CA VAL A 85 -9.54 9.12 -11.55
C VAL A 85 -8.56 10.28 -11.62
N PHE A 86 -7.69 10.30 -12.64
CA PHE A 86 -6.73 11.39 -12.75
C PHE A 86 -7.39 12.71 -13.10
N ARG A 87 -8.58 12.66 -13.71
CA ARG A 87 -9.33 13.85 -14.10
C ARG A 87 -10.41 14.19 -13.07
N THR A 88 -10.32 13.63 -11.87
CA THR A 88 -11.34 13.78 -10.85
C THR A 88 -10.94 14.85 -9.83
N VAL A 89 -11.90 15.68 -9.45
CA VAL A 89 -11.79 16.57 -8.31
C VAL A 89 -12.95 16.29 -7.38
N PHE A 90 -12.90 16.88 -6.18
CA PHE A 90 -13.84 16.56 -5.12
C PHE A 90 -14.53 17.83 -4.62
N ILE A 91 -15.82 17.70 -4.31
CA ILE A 91 -16.62 18.79 -3.79
C ILE A 91 -17.16 18.36 -2.43
N HIS A 92 -16.90 19.18 -1.40
CA HIS A 92 -17.47 18.94 -0.08
C HIS A 92 -18.28 20.10 0.45
N GLU A 93 -18.10 21.31 -0.09
CA GLU A 93 -18.81 22.48 0.42
C GLU A 93 -20.13 22.65 -0.32
N LYS A 94 -21.13 23.09 0.42
CA LYS A 94 -22.43 23.45 -0.15
C LYS A 94 -23.08 22.28 -0.87
N VAL A 95 -22.82 21.07 -0.41
CA VAL A 95 -23.48 19.88 -0.94
C VAL A 95 -23.93 19.04 0.24
N LYS A 96 -25.02 18.30 0.04
CA LYS A 96 -25.55 17.45 1.10
C LYS A 96 -24.58 16.33 1.44
N ARG A 97 -23.73 15.94 0.49
CA ARG A 97 -22.86 14.78 0.64
C ARG A 97 -21.74 14.96 -0.37
N PRO A 98 -20.49 14.65 -0.03
CA PRO A 98 -19.40 14.92 -0.98
C PRO A 98 -19.60 14.15 -2.28
N VAL A 99 -19.16 14.76 -3.37
CA VAL A 99 -19.22 14.15 -4.69
C VAL A 99 -17.83 14.26 -5.32
N GLN A 100 -17.53 13.33 -6.21
CA GLN A 100 -16.34 13.42 -7.04
C GLN A 100 -16.76 13.68 -8.48
N VAL A 101 -16.07 14.62 -9.13
CA VAL A 101 -16.43 15.13 -10.43
C VAL A 101 -15.33 14.75 -11.42
N VAL A 102 -15.70 14.05 -12.48
CA VAL A 102 -14.76 13.69 -13.54
C VAL A 102 -14.82 14.78 -14.61
N LEU A 103 -13.69 15.44 -14.84
CA LEU A 103 -13.59 16.42 -15.91
C LEU A 103 -13.23 15.72 -17.21
N LYS A 104 -13.69 16.30 -18.33
CA LYS A 104 -13.50 15.64 -19.61
C LYS A 104 -12.03 15.64 -20.03
N LYS A 105 -11.31 16.71 -19.74
CA LYS A 105 -9.94 16.85 -20.20
C LYS A 105 -9.14 17.67 -19.19
N ARG A 106 -7.97 17.17 -18.83
CA ARG A 106 -7.05 17.89 -17.96
C ARG A 106 -5.64 17.73 -18.52
N GLN A 107 -4.97 18.86 -18.75
CA GLN A 107 -3.63 18.85 -19.32
C GLN A 107 -2.60 18.73 -18.20
N PHE A 108 -1.80 17.67 -18.26
CA PHE A 108 -0.76 17.42 -17.28
C PHE A 108 0.56 18.03 -17.75
N GLN A 109 1.27 18.67 -16.83
CA GLN A 109 2.56 19.27 -17.12
C GLN A 109 3.58 18.77 -16.10
N ILE A 110 4.73 18.32 -16.59
CA ILE A 110 5.86 18.01 -15.72
C ILE A 110 6.63 19.30 -15.46
N GLU A 111 6.97 19.55 -14.20
CA GLU A 111 7.83 20.67 -13.87
C GLU A 111 9.27 20.27 -14.13
N GLU A 112 9.93 20.98 -15.05
CA GLU A 112 11.33 20.73 -15.38
C GLU A 112 12.19 21.76 -14.67
N ILE A 113 13.20 21.27 -13.95
CA ILE A 113 14.09 22.12 -13.16
C ILE A 113 15.53 21.78 -13.54
N ASP A 114 16.28 22.78 -13.99
CA ASP A 114 17.66 22.59 -14.42
C ASP A 114 18.59 22.87 -13.24
N LEU A 115 19.29 21.84 -12.77
CA LEU A 115 20.27 21.96 -11.70
C LEU A 115 21.70 21.79 -12.20
N THR A 116 21.94 21.89 -13.51
CA THR A 116 23.25 21.56 -14.05
C THR A 116 24.31 22.58 -13.67
N HIS A 117 23.92 23.75 -13.17
CA HIS A 117 24.84 24.78 -12.73
C HIS A 117 25.25 24.63 -11.28
N LEU A 118 24.79 23.59 -10.60
CA LEU A 118 25.04 23.41 -9.17
C LEU A 118 25.97 22.23 -8.93
N THR A 119 26.71 22.33 -7.83
CA THR A 119 27.51 21.21 -7.36
C THR A 119 26.60 20.05 -6.94
N GLY A 120 27.19 18.86 -6.84
CA GLY A 120 26.42 17.71 -6.39
C GLY A 120 25.76 17.94 -5.05
N SER A 121 26.48 18.59 -4.12
CA SER A 121 25.90 18.89 -2.82
C SER A 121 24.75 19.88 -2.92
N GLU A 122 24.90 20.91 -3.76
CA GLU A 122 23.83 21.86 -3.94
C GLU A 122 22.61 21.20 -4.59
N GLN A 123 22.85 20.25 -5.49
CA GLN A 123 21.74 19.58 -6.16
C GLN A 123 20.92 18.75 -5.17
N THR A 124 21.60 17.93 -4.35
CA THR A 124 20.90 17.12 -3.37
C THR A 124 20.09 18.00 -2.42
N ALA A 125 20.63 19.15 -2.04
CA ALA A 125 19.91 20.05 -1.15
C ALA A 125 18.68 20.63 -1.84
N LYS A 126 18.79 20.97 -3.12
CA LYS A 126 17.64 21.50 -3.84
C LYS A 126 16.54 20.46 -3.96
N ILE A 127 16.90 19.20 -4.21
CA ILE A 127 15.89 18.17 -4.40
C ILE A 127 15.25 17.81 -3.07
N ASN A 128 16.04 17.73 -2.00
CA ASN A 128 15.46 17.51 -0.68
C ASN A 128 14.52 18.65 -0.29
N GLU A 129 14.92 19.89 -0.58
CA GLU A 129 14.04 21.03 -0.35
C GLU A 129 12.71 20.84 -1.07
N TYR A 130 12.76 20.43 -2.33
CA TYR A 130 11.53 20.25 -3.09
C TYR A 130 10.65 19.19 -2.44
N LYS A 131 11.25 18.06 -2.07
CA LYS A 131 10.47 16.95 -1.53
C LYS A 131 9.79 17.33 -0.23
N GLU A 132 10.50 18.05 0.64
CA GLU A 132 9.93 18.40 1.94
C GLU A 132 8.80 19.42 1.77
N GLN A 133 8.97 20.39 0.86
CA GLN A 133 7.90 21.34 0.60
C GLN A 133 6.72 20.65 -0.07
N ASP A 134 7.00 19.64 -0.90
CA ASP A 134 5.91 18.93 -1.58
C ASP A 134 5.07 18.13 -0.60
N LYS A 135 5.73 17.50 0.38
CA LYS A 135 4.99 16.77 1.40
C LYS A 135 4.02 17.69 2.14
N ILE A 136 4.47 18.90 2.46
CA ILE A 136 3.63 19.84 3.18
C ILE A 136 2.54 20.40 2.27
N ARG A 137 2.89 20.73 1.02
CA ARG A 137 1.91 21.26 0.09
C ARG A 137 0.74 20.31 -0.06
N GLY A 138 1.02 19.03 -0.31
CA GLY A 138 -0.05 18.10 -0.61
C GLY A 138 -0.81 18.55 -1.84
N PHE A 139 -2.12 18.33 -1.81
CA PHE A 139 -2.99 18.67 -2.92
C PHE A 139 -4.24 19.37 -2.41
N ASP A 140 -4.74 20.33 -3.19
CA ASP A 140 -6.07 20.88 -3.00
C ASP A 140 -7.01 20.01 -3.80
N LEU A 141 -7.71 19.09 -3.13
CA LEU A 141 -8.50 18.09 -3.82
C LEU A 141 -9.74 18.67 -4.49
N THR A 142 -10.07 19.94 -4.27
CA THR A 142 -11.17 20.55 -4.97
C THR A 142 -10.76 21.14 -6.32
N ARG A 143 -9.46 21.16 -6.64
CA ARG A 143 -9.00 21.82 -7.85
C ARG A 143 -7.87 21.10 -8.56
N ASP A 144 -6.87 20.63 -7.82
CA ASP A 144 -5.65 20.12 -8.43
C ASP A 144 -5.88 18.75 -9.06
N ILE A 145 -5.09 18.46 -10.09
CA ILE A 145 -4.86 17.06 -10.49
C ILE A 145 -4.17 16.42 -9.29
N PRO A 146 -4.73 15.38 -8.66
CA PRO A 146 -4.07 14.84 -7.47
C PRO A 146 -2.85 13.98 -7.77
N MET A 147 -2.07 14.41 -8.75
CA MET A 147 -0.75 13.83 -8.99
C MET A 147 0.09 14.90 -9.67
N ARG A 148 1.37 14.96 -9.31
CA ARG A 148 2.28 15.91 -9.92
C ARG A 148 3.65 15.24 -10.08
N ALA A 149 4.45 15.81 -10.97
CA ALA A 149 5.78 15.30 -11.22
C ALA A 149 6.74 16.45 -11.49
N ALA A 150 7.92 16.37 -10.90
CA ALA A 150 9.01 17.28 -11.16
C ALA A 150 10.22 16.45 -11.57
N ILE A 151 10.91 16.88 -12.62
CA ILE A 151 12.10 16.20 -13.09
C ILE A 151 13.26 17.19 -13.06
N PHE A 152 14.28 16.85 -12.28
CA PHE A 152 15.45 17.68 -12.07
C PHE A 152 16.56 17.21 -12.99
N LYS A 153 17.10 18.11 -13.82
CA LYS A 153 18.25 17.79 -14.65
C LYS A 153 19.52 18.09 -13.87
N LYS A 154 20.30 17.06 -13.55
CA LYS A 154 21.55 17.21 -12.82
C LYS A 154 22.75 17.28 -13.75
N ALA A 155 22.71 16.54 -14.85
CA ALA A 155 23.78 16.51 -15.84
C ALA A 155 23.16 16.10 -17.17
N GLU A 156 24.00 15.96 -18.19
CA GLU A 156 23.49 15.81 -19.56
C GLU A 156 22.52 14.65 -19.67
N GLU A 157 22.89 13.48 -19.12
CA GLU A 157 22.00 12.33 -19.15
C GLU A 157 21.73 11.86 -17.72
N SER A 158 21.41 12.78 -16.83
CA SER A 158 21.28 12.48 -15.40
C SER A 158 20.13 13.29 -14.83
N PHE A 159 19.11 12.58 -14.34
CA PHE A 159 17.91 13.23 -13.85
C PHE A 159 17.46 12.61 -12.54
N GLU A 160 16.67 13.36 -11.78
CA GLU A 160 15.91 12.83 -10.66
C GLU A 160 14.44 13.20 -10.87
N TRP A 161 13.57 12.20 -10.76
CA TRP A 161 12.16 12.29 -11.13
C TRP A 161 11.34 12.02 -9.87
N VAL A 162 10.65 13.06 -9.38
CA VAL A 162 9.87 12.98 -8.15
C VAL A 162 8.40 13.06 -8.51
N THR A 163 7.66 12.00 -8.26
CA THR A 163 6.23 11.95 -8.51
C THR A 163 5.48 11.88 -7.19
N SER A 164 4.46 12.72 -7.04
CA SER A 164 3.62 12.74 -5.85
C SER A 164 2.18 12.43 -6.26
N VAL A 165 1.50 11.62 -5.46
CA VAL A 165 0.12 11.27 -5.76
C VAL A 165 -0.66 11.15 -4.45
N HIS A 166 -1.96 11.44 -4.54
CA HIS A 166 -2.88 11.31 -3.42
C HIS A 166 -3.69 10.03 -3.55
N HIS A 167 -3.74 9.24 -2.47
CA HIS A 167 -4.36 7.93 -2.58
C HIS A 167 -5.88 7.98 -2.70
N ILE A 168 -6.51 9.16 -2.59
CA ILE A 168 -7.95 9.20 -2.79
C ILE A 168 -8.32 8.87 -4.23
N ILE A 169 -7.39 9.05 -5.19
CA ILE A 169 -7.63 8.67 -6.58
C ILE A 169 -6.93 7.38 -6.97
N LEU A 170 -5.88 6.97 -6.25
CA LEU A 170 -4.99 5.92 -6.74
C LEU A 170 -4.25 5.32 -5.55
N ASP A 171 -4.53 4.05 -5.23
CA ASP A 171 -3.78 3.44 -4.12
C ASP A 171 -2.41 2.95 -4.58
N GLY A 172 -1.57 2.61 -3.61
CA GLY A 172 -0.18 2.34 -3.89
C GLY A 172 0.07 1.08 -4.69
N TRP A 173 -0.89 0.15 -4.70
CA TRP A 173 -0.78 -1.06 -5.49
C TRP A 173 -1.26 -0.86 -6.93
N CYS A 174 -1.76 0.33 -7.25
CA CYS A 174 -2.24 0.66 -8.59
C CYS A 174 -1.17 1.29 -9.47
N ILE A 175 -0.14 1.85 -8.87
CA ILE A 175 0.79 2.69 -9.62
C ILE A 175 1.50 1.86 -10.68
N GLY A 176 1.76 0.58 -10.39
CA GLY A 176 2.40 -0.26 -11.39
C GLY A 176 1.59 -0.39 -12.66
N ILE A 177 0.27 -0.52 -12.53
CA ILE A 177 -0.59 -0.59 -13.72
C ILE A 177 -0.39 0.65 -14.57
N VAL A 178 -0.45 1.83 -13.93
CA VAL A 178 -0.30 3.09 -14.65
C VAL A 178 1.09 3.21 -15.26
N VAL A 179 2.11 2.79 -14.52
CA VAL A 179 3.48 2.93 -15.02
C VAL A 179 3.69 2.04 -16.24
N GLN A 180 3.13 0.82 -16.21
CA GLN A 180 3.26 -0.06 -17.36
C GLN A 180 2.66 0.58 -18.61
N ASP A 181 1.44 1.13 -18.49
CA ASP A 181 0.83 1.84 -19.60
C ASP A 181 1.68 3.03 -20.02
N LEU A 182 2.19 3.78 -19.04
CA LEU A 182 2.96 4.97 -19.33
C LEU A 182 4.16 4.66 -20.21
N PHE A 183 4.89 3.59 -19.89
CA PHE A 183 6.10 3.27 -20.63
C PHE A 183 5.84 2.48 -21.89
N LYS A 184 4.67 1.84 -22.01
CA LYS A 184 4.27 1.29 -23.30
C LYS A 184 4.04 2.42 -24.31
N VAL A 185 3.37 3.49 -23.88
CA VAL A 185 3.12 4.62 -24.74
C VAL A 185 4.44 5.34 -25.06
N TYR A 186 5.25 5.58 -24.02
CA TYR A 186 6.56 6.20 -24.23
C TYR A 186 7.40 5.39 -25.22
N ASN A 187 7.47 4.06 -25.04
CA ASN A 187 8.31 3.26 -25.91
C ASN A 187 7.78 3.26 -27.34
N ALA A 188 6.46 3.29 -27.52
CA ALA A 188 5.90 3.31 -28.86
C ALA A 188 6.21 4.62 -29.58
N LEU A 189 6.11 5.75 -28.88
CA LEU A 189 6.47 7.02 -29.50
C LEU A 189 7.96 7.08 -29.78
N ARG A 190 8.78 6.52 -28.89
CA ARG A 190 10.22 6.48 -29.10
C ARG A 190 10.59 5.61 -30.29
N GLU A 191 9.97 4.44 -30.42
CA GLU A 191 10.24 3.57 -31.56
C GLU A 191 9.46 3.98 -32.80
N GLN A 192 8.58 4.97 -32.69
CA GLN A 192 7.75 5.46 -33.80
C GLN A 192 7.01 4.31 -34.47
N LYS A 193 6.13 3.69 -33.70
CA LYS A 193 5.29 2.60 -34.18
C LYS A 193 3.91 2.74 -33.56
N PRO A 194 2.88 2.16 -34.18
CA PRO A 194 1.53 2.26 -33.63
C PRO A 194 1.43 1.46 -32.33
N TYR A 195 0.43 1.82 -31.53
CA TYR A 195 0.17 1.10 -30.30
C TYR A 195 -1.32 1.11 -29.99
N SER A 196 -1.72 0.19 -29.12
CA SER A 196 -3.04 0.19 -28.54
C SER A 196 -2.91 -0.21 -27.07
N LEU A 197 -3.94 0.09 -26.30
CA LEU A 197 -4.07 -0.35 -24.92
C LEU A 197 -5.43 -1.01 -24.76
N PRO A 198 -5.53 -2.08 -23.99
CA PRO A 198 -6.80 -2.81 -23.91
C PRO A 198 -7.85 -1.99 -23.18
N PRO A 199 -9.13 -2.23 -23.46
CA PRO A 199 -10.18 -1.52 -22.73
C PRO A 199 -10.07 -1.79 -21.24
N VAL A 200 -10.46 -0.80 -20.45
CA VAL A 200 -10.49 -0.93 -18.99
C VAL A 200 -11.83 -0.42 -18.50
N LYS A 201 -12.35 -1.05 -17.45
CA LYS A 201 -13.61 -0.61 -16.87
C LYS A 201 -13.40 0.63 -16.01
N PRO A 202 -14.35 1.55 -15.99
CA PRO A 202 -14.20 2.78 -15.21
C PRO A 202 -14.39 2.55 -13.72
N TYR A 203 -13.71 3.38 -12.93
CA TYR A 203 -13.83 3.29 -11.48
C TYR A 203 -15.27 3.46 -11.02
N LYS A 204 -16.09 4.19 -11.78
CA LYS A 204 -17.50 4.33 -11.42
C LYS A 204 -18.19 2.97 -11.29
N ASP A 205 -17.70 1.95 -12.00
CA ASP A 205 -18.30 0.63 -11.88
C ASP A 205 -18.13 0.07 -10.46
N TYR A 206 -17.03 0.42 -9.78
CA TYR A 206 -16.85 -0.02 -8.40
C TYR A 206 -17.79 0.75 -7.48
N ILE A 207 -17.94 2.06 -7.71
CA ILE A 207 -18.91 2.84 -6.94
C ILE A 207 -20.31 2.26 -7.12
N LYS A 208 -20.65 1.82 -8.34
CA LYS A 208 -21.95 1.21 -8.56
C LYS A 208 -22.09 -0.10 -7.80
N TRP A 209 -21.03 -0.90 -7.74
CA TRP A 209 -21.07 -2.14 -6.96
C TRP A 209 -21.33 -1.84 -5.49
N LEU A 210 -20.70 -0.80 -4.96
CA LEU A 210 -20.91 -0.45 -3.56
C LEU A 210 -22.38 -0.14 -3.27
N GLU A 211 -23.08 0.46 -4.24
CA GLU A 211 -24.50 0.75 -4.05
C GLU A 211 -25.30 -0.50 -3.74
N LYS A 212 -24.89 -1.64 -4.30
CA LYS A 212 -25.63 -2.89 -4.16
C LYS A 212 -25.29 -3.63 -2.88
N GLN A 213 -24.34 -3.14 -2.08
CA GLN A 213 -23.93 -3.82 -0.87
C GLN A 213 -24.73 -3.35 0.33
N ASP A 214 -25.08 -4.29 1.20
CA ASP A 214 -25.84 -4.02 2.42
C ASP A 214 -24.84 -3.56 3.48
N LYS A 215 -24.82 -2.26 3.76
CA LYS A 215 -23.80 -1.69 4.63
C LYS A 215 -23.93 -2.22 6.05
N GLN A 216 -25.16 -2.34 6.55
CA GLN A 216 -25.34 -2.85 7.91
C GLN A 216 -24.94 -4.32 8.02
N ALA A 217 -25.14 -5.09 6.94
CA ALA A 217 -24.68 -6.47 6.96
C ALA A 217 -23.15 -6.54 7.03
N SER A 218 -22.47 -5.62 6.36
CA SER A 218 -21.01 -5.61 6.41
C SER A 218 -20.51 -5.21 7.79
N LEU A 219 -21.15 -4.22 8.42
CA LEU A 219 -20.79 -3.87 9.79
C LEU A 219 -21.04 -5.06 10.72
N ARG A 220 -22.14 -5.78 10.50
CA ARG A 220 -22.44 -6.94 11.33
C ARG A 220 -21.38 -8.02 11.15
N TYR A 221 -20.87 -8.20 9.93
CA TYR A 221 -19.79 -9.16 9.73
C TYR A 221 -18.61 -8.85 10.62
N TRP A 222 -18.15 -7.59 10.61
CA TRP A 222 -17.00 -7.22 11.40
C TRP A 222 -17.30 -7.28 12.89
N ARG A 223 -18.53 -6.89 13.29
CA ARG A 223 -18.91 -6.96 14.69
C ARG A 223 -18.83 -8.39 15.21
N GLU A 224 -19.34 -9.35 14.44
CA GLU A 224 -19.31 -10.74 14.87
C GLU A 224 -17.90 -11.31 14.82
N TYR A 225 -17.11 -10.90 13.82
CA TYR A 225 -15.74 -11.37 13.71
C TYR A 225 -14.91 -10.96 14.92
N LEU A 226 -15.14 -9.75 15.44
CA LEU A 226 -14.36 -9.19 16.54
C LEU A 226 -15.10 -9.34 17.86
N GLU A 227 -16.14 -10.15 17.91
CA GLU A 227 -16.94 -10.32 19.11
C GLU A 227 -16.09 -10.83 20.26
N ASP A 228 -16.10 -10.08 21.37
CA ASP A 228 -15.45 -10.46 22.62
C ASP A 228 -13.93 -10.40 22.55
N PHE A 229 -13.35 -9.74 21.54
CA PHE A 229 -11.91 -9.57 21.51
C PHE A 229 -11.50 -8.55 22.58
N GLU A 230 -10.48 -8.90 23.37
CA GLU A 230 -10.17 -8.17 24.58
C GLU A 230 -9.09 -7.11 24.43
N GLY A 231 -8.57 -6.90 23.22
CA GLY A 231 -7.58 -5.87 22.99
C GLY A 231 -6.17 -6.36 23.27
N GLN A 232 -5.21 -5.55 22.84
CA GLN A 232 -3.82 -6.02 22.77
C GLN A 232 -2.86 -4.86 22.53
N THR A 233 -1.88 -4.70 23.41
CA THR A 233 -0.71 -3.87 23.14
C THR A 233 0.40 -4.84 22.73
N THR A 234 0.77 -4.81 21.46
CA THR A 234 1.73 -5.78 20.95
C THR A 234 3.13 -5.43 21.43
N PHE A 235 3.87 -6.43 21.89
CA PHE A 235 5.24 -6.25 22.37
C PHE A 235 5.28 -5.21 23.48
N ALA A 236 4.32 -5.28 24.41
CA ALA A 236 4.18 -4.26 25.43
C ALA A 236 5.46 -4.10 26.25
N GLU A 237 6.14 -5.21 26.57
CA GLU A 237 7.34 -5.12 27.40
C GLU A 237 8.53 -4.57 26.66
N GLN A 238 8.45 -4.42 25.34
CA GLN A 238 9.52 -3.88 24.52
C GLN A 238 9.31 -2.42 24.14
N ARG A 239 8.13 -1.86 24.38
CA ARG A 239 7.82 -0.52 23.95
C ARG A 239 8.47 0.51 24.87
N LYS A 240 9.24 1.43 24.27
CA LYS A 240 9.78 2.57 24.98
C LYS A 240 8.77 3.70 25.01
N LYS A 241 8.86 4.55 26.04
CA LYS A 241 8.03 5.73 26.18
C LYS A 241 8.92 6.85 26.73
N GLN A 242 9.78 7.37 25.85
CA GLN A 242 10.74 8.40 26.23
C GLN A 242 10.76 9.54 25.23
N LYS A 243 11.38 9.33 24.07
CA LYS A 243 11.50 10.40 23.08
C LYS A 243 10.19 10.58 22.31
N ASP A 244 9.87 11.83 22.01
CA ASP A 244 8.62 12.17 21.37
C ASP A 244 8.68 11.96 19.87
N GLY A 245 7.57 11.52 19.30
CA GLY A 245 7.41 11.49 17.86
C GLY A 245 7.87 10.19 17.22
N TYR A 246 7.81 10.18 15.89
CA TYR A 246 8.15 9.01 15.09
C TYR A 246 9.57 9.18 14.54
N GLU A 247 10.44 8.22 14.85
CA GLU A 247 11.80 8.18 14.33
C GLU A 247 11.88 6.99 13.37
N PRO A 248 11.67 7.19 12.07
CA PRO A 248 11.52 6.04 11.16
C PRO A 248 12.84 5.34 10.91
N LYS A 249 12.83 4.02 11.08
CA LYS A 249 13.96 3.17 10.78
C LYS A 249 13.46 1.93 10.09
N GLU A 250 14.37 1.20 9.44
CA GLU A 250 14.01 -0.02 8.75
C GLU A 250 15.12 -1.05 8.89
N LEU A 251 14.72 -2.32 8.95
CA LEU A 251 15.63 -3.46 8.88
C LEU A 251 15.20 -4.31 7.68
N LEU A 252 16.08 -4.42 6.69
CA LEU A 252 15.82 -5.20 5.49
C LEU A 252 16.58 -6.52 5.56
N PHE A 253 15.92 -7.60 5.19
CA PHE A 253 16.60 -8.89 5.08
C PHE A 253 15.84 -9.77 4.10
N SER A 254 16.48 -10.86 3.70
CA SER A 254 15.95 -11.78 2.70
C SER A 254 15.84 -13.18 3.28
N LEU A 255 14.79 -13.88 2.90
CA LEU A 255 14.70 -15.30 3.19
C LEU A 255 15.52 -16.07 2.16
N PRO A 256 16.44 -16.93 2.58
CA PRO A 256 17.29 -17.62 1.60
C PRO A 256 16.46 -18.37 0.56
N GLU A 257 17.09 -18.60 -0.61
CA GLU A 257 16.36 -19.13 -1.74
C GLU A 257 15.74 -20.49 -1.44
N ALA A 258 16.49 -21.38 -0.77
CA ALA A 258 15.96 -22.71 -0.49
C ALA A 258 14.72 -22.62 0.39
N GLU A 259 14.77 -21.80 1.45
CA GLU A 259 13.61 -21.63 2.30
C GLU A 259 12.47 -20.95 1.55
N THR A 260 12.79 -19.97 0.71
CA THR A 260 11.75 -19.29 -0.06
C THR A 260 11.01 -20.27 -0.95
N LYS A 261 11.75 -21.11 -1.68
CA LYS A 261 11.13 -22.12 -2.53
C LYS A 261 10.22 -23.03 -1.72
N ALA A 262 10.70 -23.50 -0.56
CA ALA A 262 9.93 -24.44 0.23
C ALA A 262 8.71 -23.76 0.86
N PHE A 263 8.86 -22.50 1.27
CA PHE A 263 7.74 -21.74 1.81
C PHE A 263 6.67 -21.54 0.74
N THR A 264 7.10 -21.21 -0.48
CA THR A 264 6.16 -21.02 -1.58
C THR A 264 5.45 -22.33 -1.92
N GLU A 265 6.19 -23.43 -1.95
CA GLU A 265 5.59 -24.72 -2.27
C GLU A 265 4.60 -25.15 -1.18
N LEU A 266 4.92 -24.87 0.07
CA LEU A 266 4.00 -25.20 1.15
C LEU A 266 2.69 -24.43 1.00
N ALA A 267 2.78 -23.11 0.80
CA ALA A 267 1.57 -22.32 0.64
C ALA A 267 0.72 -22.85 -0.51
N LYS A 268 1.35 -23.14 -1.65
CA LYS A 268 0.61 -23.63 -2.80
C LYS A 268 -0.05 -24.97 -2.50
N SER A 269 0.67 -25.86 -1.79
CA SER A 269 0.13 -27.18 -1.49
C SER A 269 -1.06 -27.12 -0.54
N GLN A 270 -1.21 -26.04 0.23
CA GLN A 270 -2.38 -25.83 1.06
C GLN A 270 -3.40 -24.91 0.39
N HIS A 271 -3.21 -24.62 -0.90
CA HIS A 271 -4.17 -23.83 -1.66
C HIS A 271 -4.35 -22.44 -1.06
N THR A 272 -3.24 -21.83 -0.67
CA THR A 272 -3.26 -20.47 -0.14
C THR A 272 -2.08 -19.73 -0.74
N THR A 273 -1.84 -18.51 -0.23
CA THR A 273 -0.90 -17.58 -0.79
C THR A 273 0.29 -17.40 0.14
N LEU A 274 1.38 -16.86 -0.42
CA LEU A 274 2.53 -16.49 0.41
C LEU A 274 2.13 -15.48 1.46
N SER A 275 1.25 -14.54 1.10
CA SER A 275 0.81 -13.53 2.06
C SER A 275 0.12 -14.19 3.26
N THR A 276 -0.78 -15.13 3.00
CA THR A 276 -1.44 -15.84 4.09
C THR A 276 -0.42 -16.61 4.92
N ALA A 277 0.53 -17.25 4.27
CA ALA A 277 1.52 -18.04 5.01
C ALA A 277 2.38 -17.15 5.91
N LEU A 278 2.78 -15.97 5.42
CA LEU A 278 3.55 -15.07 6.27
C LEU A 278 2.71 -14.59 7.45
N GLN A 279 1.44 -14.27 7.22
CA GLN A 279 0.56 -13.89 8.31
C GLN A 279 0.44 -15.02 9.34
N ALA A 280 0.44 -16.27 8.87
CA ALA A 280 0.34 -17.39 9.79
C ALA A 280 1.59 -17.52 10.66
N VAL A 281 2.78 -17.34 10.06
CA VAL A 281 4.01 -17.37 10.84
C VAL A 281 3.99 -16.27 11.89
N TRP A 282 3.63 -15.05 11.47
CA TRP A 282 3.59 -13.93 12.40
C TRP A 282 2.64 -14.22 13.56
N SER A 283 1.50 -14.82 13.26
CA SER A 283 0.54 -15.18 14.30
C SER A 283 1.17 -16.05 15.38
N VAL A 284 1.99 -17.02 14.97
CA VAL A 284 2.68 -17.86 15.95
C VAL A 284 3.58 -17.00 16.83
N LEU A 285 4.40 -16.15 16.21
CA LEU A 285 5.28 -15.26 16.97
C LEU A 285 4.50 -14.41 17.96
N ILE A 286 3.43 -13.75 17.50
CA ILE A 286 2.66 -12.88 18.39
C ILE A 286 2.05 -13.69 19.54
N SER A 287 1.57 -14.90 19.26
CA SER A 287 0.95 -15.70 20.30
C SER A 287 1.90 -15.95 21.45
N ARG A 288 3.21 -16.05 21.17
CA ARG A 288 4.18 -16.27 22.23
C ARG A 288 4.39 -15.01 23.05
N TYR A 289 4.61 -13.88 22.38
CA TYR A 289 4.87 -12.64 23.11
C TYR A 289 3.66 -12.23 23.95
N GLN A 290 2.46 -12.45 23.43
CA GLN A 290 1.25 -12.05 24.15
C GLN A 290 0.76 -13.13 25.11
N GLN A 291 1.39 -14.30 25.12
CA GLN A 291 0.94 -15.43 25.94
C GLN A 291 -0.57 -15.64 25.79
N SER A 292 -1.02 -15.66 24.54
CA SER A 292 -2.44 -15.69 24.24
C SER A 292 -2.70 -16.41 22.93
N GLY A 293 -3.86 -17.07 22.86
CA GLY A 293 -4.28 -17.72 21.64
C GLY A 293 -5.39 -16.97 20.93
N ASP A 294 -5.54 -15.68 21.25
CA ASP A 294 -6.52 -14.82 20.61
C ASP A 294 -5.83 -13.48 20.37
N LEU A 295 -5.50 -13.18 19.12
CA LEU A 295 -4.63 -12.07 18.81
C LEU A 295 -5.09 -11.41 17.53
N ALA A 296 -4.62 -10.18 17.30
CA ALA A 296 -5.02 -9.44 16.12
C ALA A 296 -3.87 -8.58 15.62
N PHE A 297 -3.88 -8.36 14.30
CA PHE A 297 -2.97 -7.44 13.64
C PHE A 297 -3.66 -6.96 12.38
N GLY A 298 -3.17 -5.86 11.82
CA GLY A 298 -3.71 -5.35 10.59
C GLY A 298 -3.11 -6.03 9.37
N THR A 299 -3.90 -6.16 8.31
CA THR A 299 -3.44 -6.70 7.04
C THR A 299 -4.00 -5.83 5.92
N VAL A 300 -3.16 -5.54 4.93
CA VAL A 300 -3.63 -4.82 3.74
C VAL A 300 -4.26 -5.85 2.79
N VAL A 301 -5.51 -5.60 2.42
CA VAL A 301 -6.25 -6.49 1.53
C VAL A 301 -6.53 -5.77 0.22
N SER A 302 -6.78 -6.57 -0.83
CA SER A 302 -6.86 -6.03 -2.17
C SER A 302 -8.10 -5.18 -2.38
N GLY A 303 -9.22 -5.56 -1.75
CA GLY A 303 -10.44 -4.80 -1.89
C GLY A 303 -11.07 -4.83 -3.26
N ARG A 304 -10.67 -5.76 -4.12
CA ARG A 304 -11.21 -5.82 -5.48
C ARG A 304 -12.23 -6.93 -5.58
N PRO A 305 -13.54 -6.62 -5.62
CA PRO A 305 -14.55 -7.68 -5.63
C PRO A 305 -14.52 -8.47 -6.93
N ALA A 306 -14.35 -9.79 -6.81
CA ALA A 306 -14.24 -10.64 -7.98
C ALA A 306 -15.52 -10.62 -8.82
N GLU A 307 -16.66 -10.34 -8.19
CA GLU A 307 -17.92 -10.25 -8.93
C GLU A 307 -17.87 -9.21 -10.02
N ILE A 308 -17.01 -8.20 -9.88
CA ILE A 308 -16.96 -7.10 -10.83
C ILE A 308 -16.10 -7.51 -12.02
N LYS A 309 -16.71 -7.48 -13.21
CA LYS A 309 -15.99 -7.76 -14.44
C LYS A 309 -14.70 -6.95 -14.50
N GLY A 310 -13.64 -7.57 -15.01
CA GLY A 310 -12.35 -6.91 -15.16
C GLY A 310 -11.92 -5.99 -14.02
N VAL A 311 -12.32 -6.30 -12.78
CA VAL A 311 -11.91 -5.48 -11.65
C VAL A 311 -10.39 -5.51 -11.48
N GLU A 312 -9.75 -6.57 -11.97
CA GLU A 312 -8.31 -6.74 -11.84
C GLU A 312 -7.53 -5.58 -12.44
N HIS A 313 -8.08 -4.94 -13.46
CA HIS A 313 -7.35 -3.97 -14.26
C HIS A 313 -7.77 -2.54 -13.98
N MET A 314 -8.68 -2.33 -13.04
CA MET A 314 -9.15 -0.99 -12.75
C MET A 314 -8.11 -0.21 -11.97
N VAL A 315 -8.15 1.11 -12.12
CA VAL A 315 -7.25 2.02 -11.42
C VAL A 315 -8.10 2.92 -10.52
N GLY A 316 -7.78 2.93 -9.24
CA GLY A 316 -8.50 3.73 -8.27
C GLY A 316 -8.10 3.32 -6.86
N LEU A 317 -8.92 3.69 -5.89
CA LEU A 317 -8.68 3.33 -4.49
C LEU A 317 -9.43 2.04 -4.17
N PHE A 318 -8.68 0.99 -3.85
CA PHE A 318 -9.26 -0.30 -3.49
C PHE A 318 -8.70 -0.88 -2.20
N ILE A 319 -7.38 -0.82 -2.00
CA ILE A 319 -6.79 -1.55 -0.89
C ILE A 319 -7.17 -0.90 0.43
N ASN A 320 -7.16 -1.70 1.49
CA ASN A 320 -7.63 -1.27 2.80
C ASN A 320 -6.89 -2.06 3.86
N VAL A 321 -6.69 -1.43 5.01
CA VAL A 321 -6.19 -2.13 6.20
C VAL A 321 -7.40 -2.62 6.99
N VAL A 322 -7.48 -3.93 7.19
CA VAL A 322 -8.53 -4.52 8.01
C VAL A 322 -7.91 -5.36 9.10
N PRO A 323 -8.63 -5.59 10.20
CA PRO A 323 -8.10 -6.45 11.25
C PRO A 323 -8.13 -7.92 10.84
N ARG A 324 -7.06 -8.62 11.18
CA ARG A 324 -7.00 -10.07 11.16
C ARG A 324 -7.01 -10.53 12.61
N ARG A 325 -8.00 -11.36 12.98
CA ARG A 325 -8.07 -11.95 14.31
C ARG A 325 -7.83 -13.44 14.18
N VAL A 326 -6.83 -13.94 14.89
CA VAL A 326 -6.39 -15.33 14.77
C VAL A 326 -6.60 -16.01 16.12
N LYS A 327 -7.18 -17.21 16.08
CA LYS A 327 -7.46 -18.00 17.27
C LYS A 327 -6.65 -19.28 17.22
N LEU A 328 -5.77 -19.47 18.21
CA LEU A 328 -4.88 -20.62 18.27
C LEU A 328 -5.38 -21.54 19.38
N SER A 329 -5.96 -22.67 19.00
CA SER A 329 -6.40 -23.68 19.94
C SER A 329 -5.24 -24.61 20.30
N GLU A 330 -5.37 -25.31 21.42
CA GLU A 330 -4.36 -26.29 21.81
C GLU A 330 -4.17 -27.30 20.67
N GLY A 331 -2.92 -27.54 20.31
CA GLY A 331 -2.60 -28.50 19.29
C GLY A 331 -2.67 -27.98 17.86
N ILE A 332 -3.08 -26.73 17.65
CA ILE A 332 -3.24 -26.23 16.29
C ILE A 332 -1.91 -26.31 15.55
N THR A 333 -1.96 -26.76 14.30
CA THR A 333 -0.80 -26.89 13.44
C THR A 333 -0.72 -25.71 12.47
N PHE A 334 0.43 -25.59 11.81
CA PHE A 334 0.60 -24.53 10.82
C PHE A 334 -0.40 -24.70 9.68
N ASN A 335 -0.61 -25.94 9.22
CA ASN A 335 -1.55 -26.15 8.13
C ASN A 335 -2.98 -25.89 8.59
N ASP A 336 -3.30 -26.15 9.87
CA ASP A 336 -4.58 -25.70 10.41
C ASP A 336 -4.71 -24.18 10.32
N LEU A 337 -3.65 -23.46 10.69
CA LEU A 337 -3.70 -22.00 10.66
C LEU A 337 -3.88 -21.49 9.24
N LEU A 338 -3.14 -22.06 8.29
CA LEU A 338 -3.31 -21.67 6.90
C LEU A 338 -4.76 -21.81 6.48
N LYS A 339 -5.41 -22.91 6.88
CA LYS A 339 -6.80 -23.13 6.53
C LYS A 339 -7.70 -22.09 7.19
N GLN A 340 -7.49 -21.84 8.49
CA GLN A 340 -8.28 -20.83 9.18
C GLN A 340 -8.19 -19.48 8.49
N LEU A 341 -6.96 -19.03 8.18
CA LEU A 341 -6.79 -17.71 7.61
C LEU A 341 -7.32 -17.64 6.18
N GLN A 342 -7.07 -18.68 5.39
CA GLN A 342 -7.54 -18.67 4.00
C GLN A 342 -9.05 -18.62 3.95
N GLU A 343 -9.72 -19.37 4.83
CA GLU A 343 -11.19 -19.34 4.86
C GLU A 343 -11.70 -17.96 5.26
N GLN A 344 -11.07 -17.32 6.24
CA GLN A 344 -11.53 -16.01 6.66
C GLN A 344 -11.30 -14.96 5.59
N SER A 345 -10.19 -15.07 4.85
CA SER A 345 -9.95 -14.14 3.75
C SER A 345 -11.13 -14.15 2.79
N LEU A 346 -11.56 -15.34 2.38
CA LEU A 346 -12.68 -15.45 1.44
C LEU A 346 -13.95 -14.85 2.03
N GLN A 347 -14.23 -15.15 3.30
CA GLN A 347 -15.47 -14.64 3.90
C GLN A 347 -15.45 -13.12 4.02
N SER A 348 -14.27 -12.53 4.18
CA SER A 348 -14.17 -11.08 4.37
C SER A 348 -14.26 -10.30 3.07
N GLU A 349 -14.06 -10.95 1.93
CA GLU A 349 -13.93 -10.22 0.67
C GLU A 349 -15.08 -9.26 0.38
N PRO A 350 -16.34 -9.60 0.60
CA PRO A 350 -17.42 -8.64 0.29
C PRO A 350 -17.49 -7.46 1.23
N HIS A 351 -16.69 -7.43 2.29
CA HIS A 351 -16.80 -6.42 3.34
C HIS A 351 -15.51 -5.63 3.54
N GLN A 352 -14.56 -5.74 2.61
CA GLN A 352 -13.28 -5.06 2.74
C GLN A 352 -13.35 -3.57 2.41
N TYR A 353 -14.51 -3.08 1.97
CA TYR A 353 -14.69 -1.66 1.70
C TYR A 353 -14.99 -0.85 2.96
N VAL A 354 -15.21 -1.50 4.09
CA VAL A 354 -15.56 -0.79 5.33
C VAL A 354 -14.30 -0.13 5.88
N PRO A 355 -14.31 1.18 6.13
CA PRO A 355 -13.13 1.82 6.73
C PRO A 355 -12.81 1.26 8.11
N LEU A 356 -11.52 1.25 8.43
CA LEU A 356 -11.09 0.73 9.72
C LEU A 356 -11.73 1.47 10.88
N TYR A 357 -11.92 2.78 10.75
CA TYR A 357 -12.59 3.53 11.82
C TYR A 357 -13.95 2.93 12.13
N ASP A 358 -14.71 2.59 11.08
CA ASP A 358 -16.03 2.00 11.28
C ASP A 358 -15.93 0.56 11.77
N ILE A 359 -14.94 -0.19 11.28
CA ILE A 359 -14.72 -1.55 11.77
C ILE A 359 -14.45 -1.52 13.28
N GLN A 360 -13.55 -0.64 13.71
CA GLN A 360 -13.10 -0.66 15.10
C GLN A 360 -14.14 -0.05 16.03
N SER A 361 -15.02 0.81 15.50
CA SER A 361 -16.19 1.23 16.27
C SER A 361 -17.14 0.08 16.55
N GLN A 362 -17.20 -0.92 15.66
CA GLN A 362 -18.04 -2.09 15.92
C GLN A 362 -17.47 -2.98 17.01
N ALA A 363 -16.26 -2.73 17.47
CA ALA A 363 -15.67 -3.43 18.60
C ALA A 363 -15.54 -2.54 19.83
N ASP A 364 -15.90 -1.26 19.71
CA ASP A 364 -15.67 -0.28 20.78
C ASP A 364 -14.20 -0.25 21.17
N GLN A 365 -13.33 -0.27 20.16
CA GLN A 365 -11.89 -0.40 20.39
C GLN A 365 -11.13 0.45 19.38
N PRO A 366 -10.92 1.73 19.70
CA PRO A 366 -10.23 2.62 18.74
C PRO A 366 -8.81 2.20 18.40
N LYS A 367 -8.11 1.46 19.25
CA LYS A 367 -6.80 0.94 18.88
C LYS A 367 -6.86 -0.59 18.92
N LEU A 368 -7.79 -1.19 18.18
CA LEU A 368 -7.84 -2.64 18.17
C LEU A 368 -6.53 -3.22 17.65
N ILE A 369 -6.02 -2.67 16.54
CA ILE A 369 -4.74 -3.10 16.00
C ILE A 369 -3.72 -1.98 16.21
N ASP A 370 -2.45 -2.38 16.35
CA ASP A 370 -1.38 -1.41 16.51
C ASP A 370 -0.15 -1.71 15.66
N HIS A 371 -0.25 -2.65 14.72
CA HIS A 371 0.82 -2.91 13.76
C HIS A 371 0.17 -3.64 12.59
N ILE A 372 0.87 -3.68 11.46
CA ILE A 372 0.30 -4.27 10.25
C ILE A 372 1.32 -5.11 9.51
N ILE A 373 0.78 -6.06 8.72
CA ILE A 373 1.53 -6.85 7.75
C ILE A 373 1.10 -6.41 6.36
N VAL A 374 2.07 -6.11 5.50
CA VAL A 374 1.81 -5.68 4.13
C VAL A 374 2.59 -6.60 3.20
N PHE A 375 1.89 -7.42 2.45
CA PHE A 375 2.53 -8.26 1.43
C PHE A 375 2.21 -7.67 0.07
N GLU A 376 3.21 -7.08 -0.57
CA GLU A 376 3.05 -6.37 -1.84
C GLU A 376 3.62 -7.25 -2.95
N ASN A 377 2.75 -7.68 -3.86
CA ASN A 377 3.18 -8.65 -4.86
C ASN A 377 4.06 -8.02 -5.93
N TYR A 378 3.83 -6.75 -6.28
CA TYR A 378 4.58 -6.07 -7.34
C TYR A 378 5.00 -4.69 -6.87
N PRO A 379 6.02 -4.61 -6.01
CA PRO A 379 6.48 -3.30 -5.55
C PRO A 379 7.11 -2.49 -6.67
N LEU A 380 6.94 -1.16 -6.59
CA LEU A 380 7.58 -0.28 -7.56
C LEU A 380 9.09 -0.33 -7.43
N GLN A 381 9.59 -0.39 -6.19
CA GLN A 381 11.03 -0.42 -5.96
C GLN A 381 11.71 -1.50 -6.79
N ASP A 382 11.19 -2.73 -6.70
CA ASP A 382 11.73 -3.84 -7.47
C ASP A 382 11.62 -3.57 -8.96
N GLU A 390 14.91 -0.65 -23.33
CA GLU A 390 13.64 -0.48 -24.03
C GLU A 390 13.22 0.99 -24.06
N ASN A 391 13.56 1.71 -23.00
CA ASN A 391 13.19 3.12 -22.86
C ASN A 391 14.34 4.07 -23.19
N GLY A 392 15.56 3.57 -23.33
CA GLY A 392 16.71 4.42 -23.53
C GLY A 392 17.33 4.97 -22.27
N PHE A 393 16.79 4.63 -21.10
CA PHE A 393 17.34 5.09 -19.84
C PHE A 393 17.16 4.02 -18.78
N ASP A 394 17.99 4.09 -17.75
CA ASP A 394 17.90 3.20 -16.61
C ASP A 394 17.29 3.93 -15.42
N MET A 395 16.46 3.22 -14.67
CA MET A 395 15.89 3.73 -13.42
C MET A 395 16.64 3.10 -12.26
N VAL A 396 17.09 3.92 -11.32
CA VAL A 396 17.93 3.45 -10.23
C VAL A 396 17.53 4.14 -8.94
N ASP A 397 17.64 3.41 -7.83
CA ASP A 397 17.30 3.92 -6.50
C ASP A 397 15.84 4.37 -6.43
N VAL A 398 14.95 3.63 -7.09
CA VAL A 398 13.52 3.92 -6.97
C VAL A 398 13.14 3.80 -5.50
N HIS A 399 12.64 4.89 -4.93
CA HIS A 399 12.29 4.94 -3.53
C HIS A 399 10.87 5.46 -3.38
N VAL A 400 10.14 4.89 -2.42
CA VAL A 400 8.76 5.28 -2.13
C VAL A 400 8.70 5.82 -0.71
N PHE A 401 8.12 7.00 -0.56
CA PHE A 401 7.81 7.58 0.74
C PHE A 401 6.31 7.51 1.00
N GLU A 402 5.94 7.07 2.19
CA GLU A 402 4.58 7.19 2.68
C GLU A 402 4.61 7.42 4.19
N LYS A 403 3.71 8.27 4.66
CA LYS A 403 3.61 8.53 6.10
C LYS A 403 3.32 7.23 6.85
N SER A 404 4.04 7.02 7.95
CA SER A 404 3.86 5.83 8.77
C SER A 404 2.78 6.08 9.82
N ASN A 405 1.86 5.13 9.96
CA ASN A 405 0.77 5.24 10.92
C ASN A 405 0.82 4.19 12.02
N TYR A 406 1.79 3.27 11.98
CA TYR A 406 1.95 2.25 12.99
C TYR A 406 3.42 2.21 13.41
N ASP A 407 3.65 1.90 14.68
CA ASP A 407 5.01 1.84 15.22
C ASP A 407 5.78 0.64 14.70
N LEU A 408 5.12 -0.34 14.10
CA LEU A 408 5.78 -1.50 13.52
C LEU A 408 4.99 -1.96 12.31
N ASN A 409 5.71 -2.28 11.25
CA ASN A 409 5.14 -2.71 9.98
C ASN A 409 6.00 -3.84 9.43
N LEU A 410 5.41 -5.01 9.23
CA LEU A 410 6.09 -6.12 8.58
C LEU A 410 5.72 -6.09 7.10
N MET A 411 6.70 -5.89 6.24
CA MET A 411 6.46 -5.71 4.81
C MET A 411 7.28 -6.74 4.05
N ALA A 412 6.65 -7.41 3.09
CA ALA A 412 7.32 -8.44 2.33
C ALA A 412 6.88 -8.39 0.88
N SER A 413 7.74 -8.89 0.00
CA SER A 413 7.47 -8.96 -1.42
C SER A 413 8.13 -10.22 -1.96
N PRO A 414 7.62 -10.76 -3.06
CA PRO A 414 8.17 -12.03 -3.58
C PRO A 414 9.46 -11.82 -4.36
N GLY A 415 10.21 -12.90 -4.46
CA GLY A 415 11.46 -12.92 -5.20
C GLY A 415 12.08 -14.29 -5.03
N ASP A 416 13.15 -14.53 -5.79
CA ASP A 416 13.90 -15.77 -5.60
C ASP A 416 14.27 -15.92 -4.13
N GLU A 417 14.66 -14.82 -3.49
CA GLU A 417 14.70 -14.70 -2.04
C GLU A 417 13.58 -13.76 -1.64
N MET A 418 12.66 -14.22 -0.80
CA MET A 418 11.59 -13.35 -0.35
C MET A 418 12.17 -12.17 0.41
N LEU A 419 11.74 -10.96 0.02
CA LEU A 419 12.22 -9.74 0.64
C LEU A 419 11.34 -9.41 1.83
N ILE A 420 11.97 -9.14 2.97
CA ILE A 420 11.25 -8.82 4.20
C ILE A 420 11.82 -7.54 4.78
N LYS A 421 10.94 -6.66 5.22
CA LYS A 421 11.34 -5.38 5.80
C LYS A 421 10.55 -5.17 7.08
N LEU A 422 11.24 -4.81 8.15
CA LEU A 422 10.61 -4.36 9.38
C LEU A 422 10.82 -2.85 9.44
N ALA A 423 9.74 -2.10 9.23
CA ALA A 423 9.77 -0.64 9.28
C ALA A 423 9.13 -0.21 10.60
N TYR A 424 9.86 0.57 11.39
CA TYR A 424 9.45 0.77 12.78
C TYR A 424 9.79 2.16 13.25
N ASN A 425 9.19 2.52 14.39
CA ASN A 425 9.45 3.76 15.10
C ASN A 425 10.51 3.49 16.16
N GLU A 426 11.73 3.94 15.92
CA GLU A 426 12.83 3.64 16.85
C GLU A 426 12.69 4.39 18.16
N ASN A 427 11.82 5.40 18.25
CA ASN A 427 11.52 5.98 19.55
C ASN A 427 10.67 5.04 20.40
N VAL A 428 10.10 3.99 19.81
CA VAL A 428 9.31 3.02 20.55
C VAL A 428 10.04 1.68 20.66
N PHE A 429 10.65 1.21 19.58
CA PHE A 429 11.30 -0.09 19.56
C PHE A 429 12.79 0.06 19.30
N ASP A 430 13.59 -0.60 20.15
CA ASP A 430 15.04 -0.64 19.96
C ASP A 430 15.42 -1.43 18.72
N GLU A 431 16.48 -0.99 18.05
CA GLU A 431 17.02 -1.74 16.92
C GLU A 431 17.34 -3.18 17.32
N ALA A 432 17.85 -3.38 18.54
CA ALA A 432 18.21 -4.73 18.96
C ALA A 432 16.99 -5.64 19.02
N PHE A 433 15.84 -5.09 19.40
CA PHE A 433 14.62 -5.90 19.43
C PHE A 433 14.16 -6.24 18.01
N ILE A 434 14.25 -5.28 17.08
CA ILE A 434 13.87 -5.56 15.71
C ILE A 434 14.81 -6.63 15.13
N LEU A 435 16.09 -6.60 15.51
CA LEU A 435 17.02 -7.64 15.08
C LEU A 435 16.63 -9.00 15.66
N ARG A 436 16.14 -9.02 16.91
CA ARG A 436 15.63 -10.25 17.49
C ARG A 436 14.43 -10.77 16.71
N LEU A 437 13.51 -9.88 16.33
CA LEU A 437 12.35 -10.31 15.55
C LEU A 437 12.77 -10.92 14.22
N LYS A 438 13.75 -10.32 13.54
CA LYS A 438 14.27 -10.92 12.31
C LYS A 438 14.76 -12.33 12.58
N SER A 439 15.56 -12.51 13.64
CA SER A 439 16.09 -13.83 13.99
C SER A 439 14.97 -14.83 14.24
N GLN A 440 13.94 -14.41 14.97
CA GLN A 440 12.84 -15.31 15.30
C GLN A 440 12.01 -15.63 14.07
N LEU A 441 11.77 -14.63 13.22
CA LEU A 441 11.01 -14.88 11.99
C LEU A 441 11.70 -15.92 11.13
N LEU A 442 13.03 -15.79 10.96
CA LEU A 442 13.75 -16.71 10.09
C LEU A 442 13.70 -18.13 10.63
N THR A 443 13.93 -18.31 11.94
CA THR A 443 13.92 -19.67 12.47
C THR A 443 12.50 -20.23 12.52
N ALA A 444 11.50 -19.38 12.76
CA ALA A 444 10.12 -19.85 12.75
C ALA A 444 9.72 -20.34 11.36
N ILE A 445 10.07 -19.58 10.32
CA ILE A 445 9.75 -20.01 8.96
C ILE A 445 10.41 -21.36 8.68
N GLN A 446 11.70 -21.48 8.98
CA GLN A 446 12.40 -22.74 8.76
C GLN A 446 11.70 -23.89 9.46
N GLN A 447 11.36 -23.70 10.74
CA GLN A 447 10.79 -24.79 11.52
C GLN A 447 9.38 -25.13 11.07
N LEU A 448 8.60 -24.12 10.68
CA LEU A 448 7.23 -24.38 10.25
C LEU A 448 7.20 -25.04 8.88
N ILE A 449 8.16 -24.74 8.01
CA ILE A 449 8.27 -25.47 6.75
C ILE A 449 8.51 -26.94 7.00
N GLN A 450 9.40 -27.24 7.95
CA GLN A 450 9.82 -28.62 8.17
C GLN A 450 8.74 -29.44 8.88
N ASN A 451 7.91 -28.80 9.70
CA ASN A 451 6.87 -29.50 10.46
C ASN A 451 5.58 -28.71 10.45
N PRO A 452 4.95 -28.59 9.28
CA PRO A 452 3.67 -27.86 9.20
C PRO A 452 2.50 -28.62 9.79
N ASP A 453 2.69 -29.89 10.17
CA ASP A 453 1.62 -30.70 10.72
C ASP A 453 1.88 -31.11 12.17
N GLN A 454 2.79 -30.41 12.85
CA GLN A 454 2.94 -30.49 14.30
C GLN A 454 2.29 -29.27 14.95
N PRO A 455 1.95 -29.34 16.23
CA PRO A 455 1.44 -28.15 16.92
C PRO A 455 2.44 -27.01 16.83
N VAL A 456 1.95 -25.81 16.50
CA VAL A 456 2.85 -24.68 16.39
C VAL A 456 3.48 -24.35 17.74
N SER A 457 2.90 -24.82 18.85
CA SER A 457 3.51 -24.61 20.16
C SER A 457 4.88 -25.26 20.28
N THR A 458 5.22 -26.22 19.41
CA THR A 458 6.51 -26.89 19.49
C THR A 458 7.64 -26.09 18.84
N ILE A 459 7.34 -25.00 18.14
CA ILE A 459 8.38 -24.20 17.49
C ILE A 459 9.16 -23.45 18.55
N ASN A 460 10.48 -23.34 18.36
CA ASN A 460 11.36 -22.66 19.31
C ASN A 460 11.71 -21.28 18.77
N ILE A 461 11.39 -20.23 19.53
CA ILE A 461 11.85 -18.89 19.17
C ILE A 461 12.57 -18.24 20.34
C1 GOL B . 9.00 -12.21 27.27
O1 GOL B . 9.16 -12.28 28.64
C2 GOL B . 7.99 -11.08 27.02
O2 GOL B . 8.60 -9.96 26.50
C3 GOL B . 6.94 -11.68 26.09
O3 GOL B . 5.93 -10.71 25.97
H11 GOL B . 9.83 -12.02 26.80
H12 GOL B . 8.68 -13.04 26.88
HO1 GOL B . 9.31 -11.48 28.91
H2 GOL B . 7.57 -10.80 27.84
HO2 GOL B . 8.10 -9.30 26.65
H31 GOL B . 7.36 -11.92 25.24
H32 GOL B . 6.62 -12.52 26.47
HO3 GOL B . 5.78 -10.42 26.75
#